data_5LYQ
#
_entry.id   5LYQ
#
_cell.length_a   64.632
_cell.length_b   64.632
_cell.length_c   113.207
_cell.angle_alpha   90.000
_cell.angle_beta   90.000
_cell.angle_gamma   90.000
#
_symmetry.space_group_name_H-M   'P 43 21 2'
#
loop_
_entity.id
_entity.type
_entity.pdbx_description
1 polymer 'Retinoic acid receptor RXR-alpha'
2 polymer HIS-LYS-ILE-LEU-HIS-ARG-LEU-LEU-GLN-ASP
3 non-polymer "(2~{R})-6,6,9,9-tetramethylspiro[3,4,7,8-tetrahydrobenzo[g]chromene-2,2'-3,4-dihydrochromene]-6'-carboxylic acid"
4 water water
#
loop_
_entity_poly.entity_id
_entity_poly.type
_entity_poly.pdbx_seq_one_letter_code
_entity_poly.pdbx_strand_id
1 'polypeptide(L)'
;TSSANEDMPVERILEAELAVEPKTETYVEANMGLNPSSPNDPVTNICQAADKQLFTLVEWAKRIPHFSELPLDDQVILLR
AGWNELLIASFSHRSIAVKDGILLATGLHVHRNSAHSAGVGAIFDRVLTELVSKMRDMQMDKTELGCLRAIVLFNPDSKG
LSNPAEVEALREKVYASLEAYCKHKYPEQPGRFAKLLLRLPALRSIGLKCLEHLFFFKLIGDTPIDTFLMEMLEAPHQMT
;
A
2 'polypeptide(L)' KHKILHRLLQDSS B
#
loop_
_chem_comp.id
_chem_comp.type
_chem_comp.name
_chem_comp.formula
7BE non-polymer '(2~{R})-6,6,9,9-tetramethylspiro[3,4,7,8-tetrahydrobenzo[g]chromene-2,2'-3,4-dihydrochromene]-6'-carboxylic acid' 'C26 H30 O4'
#
# COMPACT_ATOMS: atom_id res chain seq x y z
N ASP A 7 -20.60 -8.70 -6.63
CA ASP A 7 -20.43 -8.11 -5.31
C ASP A 7 -18.96 -8.12 -4.90
N MET A 8 -18.67 -7.67 -3.68
CA MET A 8 -17.30 -7.51 -3.18
C MET A 8 -17.20 -8.16 -1.81
N PRO A 9 -17.06 -9.49 -1.77
CA PRO A 9 -17.02 -10.19 -0.47
C PRO A 9 -15.66 -10.02 0.22
N VAL A 10 -15.70 -9.66 1.51
CA VAL A 10 -14.46 -9.45 2.26
C VAL A 10 -13.66 -10.74 2.38
N GLU A 11 -14.31 -11.90 2.27
CA GLU A 11 -13.57 -13.16 2.28
C GLU A 11 -12.49 -13.17 1.20
N ARG A 12 -12.87 -12.85 -0.05
CA ARG A 12 -11.92 -12.87 -1.16
C ARG A 12 -10.80 -11.87 -0.95
N ILE A 13 -11.13 -10.69 -0.43
CA ILE A 13 -10.10 -9.69 -0.15
C ILE A 13 -9.11 -10.23 0.87
N LEU A 14 -9.60 -10.98 1.87
CA LEU A 14 -8.72 -11.54 2.87
C LEU A 14 -7.80 -12.61 2.28
N GLU A 15 -8.31 -13.42 1.35
CA GLU A 15 -7.46 -14.40 0.69
C GLU A 15 -6.34 -13.74 -0.09
N ALA A 16 -6.63 -12.58 -0.70
CA ALA A 16 -5.61 -11.87 -1.46
C ALA A 16 -4.44 -11.47 -0.56
N GLU A 17 -4.75 -11.00 0.66
CA GLU A 17 -3.68 -10.68 1.60
C GLU A 17 -2.90 -11.92 2.01
N LEU A 18 -3.59 -13.01 2.33
CA LEU A 18 -2.90 -14.21 2.79
C LEU A 18 -2.13 -14.88 1.66
N ALA A 19 -2.56 -14.69 0.41
CA ALA A 19 -1.89 -15.30 -0.72
C ALA A 19 -0.52 -14.68 -1.00
N VAL A 20 -0.28 -13.45 -0.54
CA VAL A 20 0.94 -12.73 -0.86
C VAL A 20 1.81 -12.49 0.38
N GLU A 21 1.46 -13.08 1.51
CA GLU A 21 2.26 -12.92 2.71
C GLU A 21 3.64 -13.55 2.51
N PRO A 22 4.71 -12.93 3.05
CA PRO A 22 6.10 -13.40 2.92
C PRO A 22 6.29 -14.85 3.35
N ASP A 41 23.17 0.06 4.40
CA ASP A 41 22.40 1.15 4.98
C ASP A 41 20.90 0.91 4.76
N PRO A 42 20.07 1.48 5.64
CA PRO A 42 18.63 1.16 5.58
C PRO A 42 17.93 1.63 4.32
N VAL A 43 18.34 2.78 3.77
CA VAL A 43 17.67 3.31 2.58
C VAL A 43 17.84 2.35 1.41
N THR A 44 19.05 1.80 1.23
CA THR A 44 19.27 0.84 0.16
C THR A 44 18.44 -0.43 0.38
N ASN A 45 18.41 -0.92 1.62
CA ASN A 45 17.64 -2.13 1.92
C ASN A 45 16.15 -1.91 1.67
N ILE A 46 15.65 -0.72 2.01
CA ILE A 46 14.22 -0.44 1.80
C ILE A 46 13.91 -0.30 0.33
N CYS A 47 14.80 0.33 -0.44
CA CYS A 47 14.55 0.49 -1.87
C CYS A 47 14.64 -0.84 -2.61
N GLN A 48 15.55 -1.71 -2.18
CA GLN A 48 15.62 -3.04 -2.80
C GLN A 48 14.38 -3.85 -2.49
N ALA A 49 13.91 -3.83 -1.23
CA ALA A 49 12.71 -4.55 -0.87
C ALA A 49 11.48 -3.99 -1.58
N ALA A 50 11.44 -2.67 -1.78
CA ALA A 50 10.32 -2.06 -2.48
C ALA A 50 10.17 -2.63 -3.89
N ASP A 51 11.30 -2.77 -4.60
CA ASP A 51 11.27 -3.33 -5.94
C ASP A 51 10.75 -4.76 -5.93
N LYS A 52 11.15 -5.54 -4.92
CA LYS A 52 10.68 -6.92 -4.80
C LYS A 52 9.17 -6.97 -4.53
N GLN A 53 8.67 -6.07 -3.68
CA GLN A 53 7.26 -6.09 -3.34
C GLN A 53 6.38 -5.59 -4.48
N LEU A 54 6.94 -4.81 -5.41
CA LEU A 54 6.15 -4.35 -6.55
C LEU A 54 5.67 -5.53 -7.40
N PHE A 55 6.51 -6.56 -7.57
CA PHE A 55 6.07 -7.76 -8.27
C PHE A 55 4.95 -8.45 -7.50
N THR A 56 5.13 -8.59 -6.19
CA THR A 56 4.10 -9.22 -5.37
C THR A 56 2.82 -8.40 -5.36
N LEU A 57 2.94 -7.07 -5.47
CA LEU A 57 1.74 -6.23 -5.43
C LEU A 57 0.85 -6.47 -6.65
N VAL A 58 1.46 -6.73 -7.81
CA VAL A 58 0.66 -7.05 -9.00
C VAL A 58 -0.15 -8.30 -8.78
N GLU A 59 0.45 -9.33 -8.18
CA GLU A 59 -0.27 -10.56 -7.90
C GLU A 59 -1.41 -10.32 -6.92
N TRP A 60 -1.17 -9.47 -5.91
CA TRP A 60 -2.24 -9.12 -4.98
C TRP A 60 -3.41 -8.47 -5.70
N ALA A 61 -3.10 -7.47 -6.54
CA ALA A 61 -4.16 -6.73 -7.23
C ALA A 61 -5.00 -7.65 -8.11
N LYS A 62 -4.37 -8.64 -8.74
N LYS A 62 -4.37 -8.65 -8.74
CA LYS A 62 -5.10 -9.54 -9.63
CA LYS A 62 -5.11 -9.59 -9.56
C LYS A 62 -6.03 -10.47 -8.86
C LYS A 62 -6.11 -10.39 -8.73
N ARG A 63 -5.83 -10.63 -7.56
N ARG A 63 -5.79 -10.66 -7.46
CA ARG A 63 -6.74 -11.41 -6.73
CA ARG A 63 -6.66 -11.41 -6.59
C ARG A 63 -7.87 -10.58 -6.14
C ARG A 63 -7.76 -10.56 -5.96
N ILE A 64 -7.78 -9.25 -6.21
CA ILE A 64 -8.87 -8.41 -5.74
C ILE A 64 -10.02 -8.48 -6.73
N PRO A 65 -11.25 -8.78 -6.28
CA PRO A 65 -12.35 -9.05 -7.22
C PRO A 65 -12.59 -7.89 -8.17
N HIS A 66 -12.75 -8.23 -9.46
CA HIS A 66 -13.09 -7.35 -10.58
C HIS A 66 -11.95 -6.46 -11.04
N PHE A 67 -10.79 -6.49 -10.38
CA PHE A 67 -9.69 -5.64 -10.83
C PHE A 67 -9.17 -6.09 -12.19
N SER A 68 -8.99 -7.40 -12.39
CA SER A 68 -8.49 -7.90 -13.65
C SER A 68 -9.47 -7.71 -14.80
N GLU A 69 -10.75 -7.54 -14.49
CA GLU A 69 -11.74 -7.28 -15.54
C GLU A 69 -11.70 -5.84 -16.04
N LEU A 70 -11.01 -4.94 -15.33
CA LEU A 70 -10.89 -3.57 -15.80
C LEU A 70 -10.03 -3.52 -17.07
N PRO A 71 -10.16 -2.46 -17.86
CA PRO A 71 -9.25 -2.28 -18.99
C PRO A 71 -7.80 -2.30 -18.52
N LEU A 72 -6.94 -2.91 -19.34
CA LEU A 72 -5.53 -3.03 -19.00
C LEU A 72 -4.90 -1.67 -18.72
N ASP A 73 -5.24 -0.67 -19.53
CA ASP A 73 -4.69 0.68 -19.33
C ASP A 73 -5.06 1.22 -17.96
N ASP A 74 -6.28 0.93 -17.50
CA ASP A 74 -6.70 1.43 -16.20
C ASP A 74 -6.05 0.65 -15.05
N GLN A 75 -5.84 -0.66 -15.22
CA GLN A 75 -5.10 -1.40 -14.20
C GLN A 75 -3.71 -0.83 -14.00
N VAL A 76 -3.07 -0.38 -15.09
CA VAL A 76 -1.78 0.27 -15.00
C VAL A 76 -1.91 1.61 -14.27
N ILE A 77 -2.91 2.40 -14.64
CA ILE A 77 -3.09 3.71 -14.01
C ILE A 77 -3.33 3.57 -12.51
N LEU A 78 -4.16 2.60 -12.12
CA LEU A 78 -4.45 2.42 -10.70
C LEU A 78 -3.22 1.98 -9.93
N LEU A 79 -2.45 1.05 -10.50
CA LEU A 79 -1.27 0.55 -9.80
C LEU A 79 -0.16 1.59 -9.75
N ARG A 80 0.04 2.32 -10.84
CA ARG A 80 1.03 3.40 -10.82
C ARG A 80 0.61 4.50 -9.85
N ALA A 81 -0.69 4.68 -9.63
CA ALA A 81 -1.16 5.72 -8.73
C ALA A 81 -1.08 5.31 -7.27
N GLY A 82 -1.32 4.04 -6.97
CA GLY A 82 -1.49 3.63 -5.58
C GLY A 82 -0.40 2.76 -4.99
N TRP A 83 0.57 2.35 -5.80
CA TRP A 83 1.56 1.37 -5.35
C TRP A 83 2.26 1.80 -4.06
N ASN A 84 2.54 3.09 -3.94
N ASN A 84 2.55 3.10 -3.94
CA ASN A 84 3.28 3.58 -2.78
CA ASN A 84 3.28 3.60 -2.78
C ASN A 84 2.44 3.43 -1.51
C ASN A 84 2.45 3.45 -1.50
N GLU A 85 1.22 3.96 -1.51
CA GLU A 85 0.35 3.81 -0.36
C GLU A 85 0.00 2.34 -0.10
N LEU A 86 -0.21 1.56 -1.16
CA LEU A 86 -0.55 0.15 -0.99
C LEU A 86 0.56 -0.59 -0.25
N LEU A 87 1.81 -0.37 -0.63
CA LEU A 87 2.91 -1.08 0.00
C LEU A 87 3.29 -0.46 1.34
N ILE A 88 3.07 0.85 1.52
CA ILE A 88 3.31 1.45 2.84
C ILE A 88 2.35 0.88 3.86
N ALA A 89 1.07 0.75 3.49
CA ALA A 89 0.10 0.15 4.39
C ALA A 89 0.44 -1.31 4.68
N SER A 90 1.04 -2.01 3.72
N SER A 90 1.05 -2.01 3.72
CA SER A 90 1.38 -3.42 3.94
CA SER A 90 1.38 -3.41 3.92
C SER A 90 2.44 -3.57 5.03
C SER A 90 2.45 -3.59 5.01
N PHE A 91 3.57 -2.87 4.89
CA PHE A 91 4.62 -3.03 5.88
C PHE A 91 4.23 -2.40 7.22
N SER A 92 3.35 -1.39 7.20
CA SER A 92 2.90 -0.80 8.46
C SER A 92 2.13 -1.83 9.29
N HIS A 93 1.20 -2.55 8.67
CA HIS A 93 0.46 -3.57 9.40
C HIS A 93 1.36 -4.74 9.78
N ARG A 94 2.34 -5.08 8.93
CA ARG A 94 3.29 -6.14 9.26
C ARG A 94 4.14 -5.78 10.48
N SER A 95 4.24 -4.49 10.81
CA SER A 95 5.13 -4.03 11.86
C SER A 95 4.44 -3.87 13.22
N ILE A 96 3.23 -4.40 13.37
CA ILE A 96 2.47 -4.24 14.62
C ILE A 96 3.29 -4.66 15.82
N ALA A 97 3.73 -5.92 15.85
CA ALA A 97 4.44 -6.43 17.01
C ALA A 97 5.87 -5.92 17.13
N VAL A 98 6.36 -5.19 16.13
CA VAL A 98 7.69 -4.61 16.17
C VAL A 98 7.63 -3.32 16.97
N LYS A 99 8.57 -3.15 17.90
CA LYS A 99 8.63 -1.94 18.72
C LYS A 99 9.65 -0.98 18.12
N ASP A 100 9.21 0.26 17.88
CA ASP A 100 10.08 1.34 17.40
C ASP A 100 10.77 0.96 16.08
N GLY A 101 10.06 0.25 15.22
CA GLY A 101 10.66 -0.17 13.97
C GLY A 101 9.63 -0.76 13.04
N ILE A 102 10.10 -1.09 11.82
CA ILE A 102 9.26 -1.72 10.82
C ILE A 102 9.90 -3.04 10.40
N LEU A 103 9.07 -3.91 9.85
CA LEU A 103 9.51 -5.22 9.37
C LEU A 103 9.25 -5.29 7.86
N LEU A 104 10.32 -5.35 7.08
CA LEU A 104 10.20 -5.48 5.64
C LEU A 104 9.84 -6.92 5.27
N ALA A 105 9.27 -7.08 4.07
CA ALA A 105 8.85 -8.41 3.63
C ALA A 105 10.04 -9.36 3.47
N THR A 106 11.25 -8.83 3.28
CA THR A 106 12.45 -9.64 3.25
C THR A 106 12.83 -10.21 4.61
N GLY A 107 12.09 -9.86 5.67
CA GLY A 107 12.41 -10.32 7.01
C GLY A 107 13.33 -9.41 7.78
N LEU A 108 13.74 -8.28 7.22
CA LEU A 108 14.64 -7.36 7.89
C LEU A 108 13.86 -6.37 8.75
N HIS A 109 14.28 -6.22 10.00
CA HIS A 109 13.73 -5.21 10.89
C HIS A 109 14.57 -3.94 10.77
N VAL A 110 13.91 -2.82 10.45
CA VAL A 110 14.57 -1.53 10.41
C VAL A 110 14.11 -0.75 11.63
N HIS A 111 15.04 -0.46 12.53
CA HIS A 111 14.74 0.24 13.77
C HIS A 111 14.84 1.75 13.55
N ARG A 112 14.08 2.50 14.34
CA ARG A 112 14.01 3.94 14.12
C ARG A 112 15.35 4.62 14.36
N ASN A 113 16.21 4.03 15.19
CA ASN A 113 17.56 4.58 15.36
C ASN A 113 18.34 4.51 14.06
N SER A 114 18.17 3.42 13.31
N SER A 114 18.18 3.41 13.31
CA SER A 114 18.87 3.30 12.03
CA SER A 114 18.86 3.30 12.02
C SER A 114 18.32 4.26 10.99
C SER A 114 18.33 4.33 11.04
N ALA A 115 17.02 4.59 11.07
CA ALA A 115 16.44 5.54 10.14
C ALA A 115 16.89 6.96 10.45
N HIS A 116 16.90 7.33 11.73
N HIS A 116 16.91 7.33 11.74
CA HIS A 116 17.37 8.65 12.13
CA HIS A 116 17.37 8.67 12.09
C HIS A 116 18.82 8.85 11.72
C HIS A 116 18.84 8.87 11.73
N SER A 117 19.67 7.85 11.99
CA SER A 117 21.09 7.93 11.67
C SER A 117 21.37 7.84 10.17
N ALA A 118 20.35 7.62 9.34
CA ALA A 118 20.49 7.66 7.89
C ALA A 118 19.84 8.89 7.28
N GLY A 119 19.33 9.81 8.09
CA GLY A 119 18.78 11.05 7.60
C GLY A 119 17.31 11.04 7.24
N VAL A 120 16.60 9.94 7.52
CA VAL A 120 15.18 9.87 7.19
C VAL A 120 14.36 9.64 8.46
N GLY A 121 14.83 10.17 9.58
CA GLY A 121 14.16 9.90 10.85
C GLY A 121 12.76 10.47 10.94
N ALA A 122 12.55 11.66 10.36
CA ALA A 122 11.27 12.35 10.53
C ALA A 122 10.14 11.61 9.86
N ILE A 123 10.32 11.22 8.60
CA ILE A 123 9.26 10.50 7.90
C ILE A 123 9.08 9.10 8.50
N PHE A 124 10.17 8.50 8.99
CA PHE A 124 10.06 7.19 9.65
C PHE A 124 9.20 7.28 10.90
N ASP A 125 9.44 8.29 11.73
CA ASP A 125 8.61 8.49 12.91
C ASP A 125 7.15 8.75 12.54
N ARG A 126 6.91 9.42 11.41
CA ARG A 126 5.53 9.62 10.95
C ARG A 126 4.85 8.29 10.68
N VAL A 127 5.56 7.35 10.06
CA VAL A 127 5.01 6.02 9.81
C VAL A 127 4.67 5.33 11.13
N LEU A 128 5.60 5.38 12.09
CA LEU A 128 5.37 4.71 13.37
C LEU A 128 4.20 5.33 14.12
N THR A 129 4.14 6.65 14.18
N THR A 129 4.14 6.66 14.19
CA THR A 129 3.14 7.32 15.01
CA THR A 129 3.13 7.30 15.02
C THR A 129 1.77 7.32 14.33
C THR A 129 1.76 7.35 14.34
N GLU A 130 1.72 7.70 13.05
CA GLU A 130 0.45 7.87 12.38
C GLU A 130 -0.12 6.58 11.81
N LEU A 131 0.72 5.56 11.55
CA LEU A 131 0.24 4.34 10.92
C LEU A 131 0.43 3.11 11.81
N VAL A 132 1.68 2.75 12.14
CA VAL A 132 1.91 1.49 12.85
C VAL A 132 1.23 1.49 14.21
N SER A 133 1.46 2.54 15.00
CA SER A 133 0.89 2.59 16.35
C SER A 133 -0.63 2.59 16.33
N LYS A 134 -1.23 3.30 15.37
CA LYS A 134 -2.68 3.34 15.26
C LYS A 134 -3.23 1.97 14.87
N MET A 135 -2.56 1.29 13.94
CA MET A 135 -2.95 -0.08 13.61
C MET A 135 -2.80 -1.00 14.81
N ARG A 136 -1.76 -0.78 15.62
N ARG A 136 -1.76 -0.78 15.62
CA ARG A 136 -1.54 -1.62 16.79
CA ARG A 136 -1.54 -1.62 16.79
C ARG A 136 -2.58 -1.36 17.87
C ARG A 136 -2.58 -1.36 17.87
N ASP A 137 -2.88 -0.09 18.14
CA ASP A 137 -3.80 0.24 19.23
C ASP A 137 -5.21 -0.26 18.97
N MET A 138 -5.66 -0.26 17.71
CA MET A 138 -7.00 -0.74 17.41
C MET A 138 -7.04 -2.21 17.02
N GLN A 139 -5.88 -2.86 16.92
CA GLN A 139 -5.78 -4.24 16.44
C GLN A 139 -6.54 -4.43 15.12
N MET A 140 -6.14 -3.61 14.14
CA MET A 140 -6.65 -3.75 12.78
C MET A 140 -6.33 -5.13 12.24
N ASP A 141 -7.36 -5.89 11.86
CA ASP A 141 -7.13 -7.23 11.35
C ASP A 141 -6.83 -7.20 9.86
N LYS A 142 -6.42 -8.35 9.33
CA LYS A 142 -5.99 -8.44 7.94
C LYS A 142 -7.14 -8.25 6.96
N THR A 143 -8.38 -8.53 7.38
CA THR A 143 -9.52 -8.25 6.52
C THR A 143 -9.73 -6.75 6.37
N GLU A 144 -9.64 -6.00 7.47
CA GLU A 144 -9.79 -4.55 7.41
C GLU A 144 -8.63 -3.93 6.62
N LEU A 145 -7.42 -4.44 6.82
CA LEU A 145 -6.27 -3.98 6.05
C LEU A 145 -6.49 -4.20 4.55
N GLY A 146 -6.92 -5.41 4.18
CA GLY A 146 -7.17 -5.69 2.78
C GLY A 146 -8.22 -4.78 2.17
N CYS A 147 -9.31 -4.56 2.90
CA CYS A 147 -10.35 -3.66 2.41
C CYS A 147 -9.81 -2.25 2.25
N LEU A 148 -9.04 -1.78 3.23
CA LEU A 148 -8.43 -0.45 3.12
C LEU A 148 -7.52 -0.37 1.91
N ARG A 149 -6.73 -1.41 1.66
CA ARG A 149 -5.87 -1.40 0.48
C ARG A 149 -6.70 -1.49 -0.80
N ALA A 150 -7.81 -2.23 -0.76
CA ALA A 150 -8.68 -2.32 -1.93
C ALA A 150 -9.30 -0.96 -2.23
N ILE A 151 -9.69 -0.21 -1.19
CA ILE A 151 -10.21 1.14 -1.37
C ILE A 151 -9.16 2.02 -2.03
N VAL A 152 -7.91 1.94 -1.55
CA VAL A 152 -6.83 2.72 -2.15
C VAL A 152 -6.60 2.30 -3.60
N LEU A 153 -6.60 1.00 -3.87
CA LEU A 153 -6.41 0.52 -5.23
C LEU A 153 -7.47 1.09 -6.17
N PHE A 154 -8.74 0.97 -5.79
CA PHE A 154 -9.86 1.49 -6.57
C PHE A 154 -10.03 2.99 -6.34
N ASN A 155 -9.02 3.75 -6.76
CA ASN A 155 -9.01 5.19 -6.57
C ASN A 155 -9.64 5.89 -7.77
N PRO A 156 -10.88 6.36 -7.66
CA PRO A 156 -11.56 6.95 -8.82
C PRO A 156 -11.01 8.29 -9.25
N ASP A 157 -10.12 8.90 -8.46
CA ASP A 157 -9.51 10.18 -8.80
C ASP A 157 -8.26 10.04 -9.64
N SER A 158 -7.82 8.81 -9.91
CA SER A 158 -6.64 8.60 -10.74
C SER A 158 -6.85 9.23 -12.12
N LYS A 159 -5.89 10.04 -12.54
N LYS A 159 -5.88 10.03 -12.54
CA LYS A 159 -6.03 10.74 -13.82
CA LYS A 159 -5.99 10.73 -13.82
C LYS A 159 -5.83 9.77 -14.98
C LYS A 159 -5.83 9.76 -14.98
N GLY A 160 -6.68 9.92 -16.00
CA GLY A 160 -6.56 9.15 -17.22
C GLY A 160 -7.40 7.88 -17.28
N LEU A 161 -8.11 7.52 -16.21
CA LEU A 161 -8.97 6.34 -16.25
C LEU A 161 -10.02 6.49 -17.34
N SER A 162 -10.19 5.42 -18.13
CA SER A 162 -11.17 5.46 -19.21
C SER A 162 -12.60 5.53 -18.66
N ASN A 163 -12.83 5.07 -17.45
CA ASN A 163 -14.17 5.12 -16.85
C ASN A 163 -14.02 5.28 -15.34
N PRO A 164 -13.96 6.53 -14.86
CA PRO A 164 -13.87 6.74 -13.41
C PRO A 164 -15.04 6.18 -12.63
N ALA A 165 -16.23 6.15 -13.23
CA ALA A 165 -17.43 5.70 -12.52
C ALA A 165 -17.33 4.23 -12.12
N GLU A 166 -16.80 3.40 -13.02
N GLU A 166 -16.81 3.38 -13.02
CA GLU A 166 -16.65 1.97 -12.72
CA GLU A 166 -16.69 1.97 -12.66
C GLU A 166 -15.72 1.75 -11.54
C GLU A 166 -15.74 1.76 -11.50
N VAL A 167 -14.63 2.50 -11.48
CA VAL A 167 -13.69 2.38 -10.36
C VAL A 167 -14.34 2.91 -9.08
N GLU A 168 -15.10 3.99 -9.18
CA GLU A 168 -15.81 4.51 -8.01
C GLU A 168 -16.84 3.50 -7.51
N ALA A 169 -17.56 2.85 -8.43
CA ALA A 169 -18.53 1.83 -8.03
C ALA A 169 -17.84 0.66 -7.31
N LEU A 170 -16.65 0.27 -7.79
CA LEU A 170 -15.92 -0.80 -7.13
C LEU A 170 -15.47 -0.38 -5.73
N ARG A 171 -15.06 0.89 -5.57
CA ARG A 171 -14.67 1.38 -4.26
C ARG A 171 -15.85 1.40 -3.30
N GLU A 172 -17.04 1.78 -3.79
CA GLU A 172 -18.23 1.81 -2.94
C GLU A 172 -18.58 0.40 -2.44
N LYS A 173 -18.44 -0.61 -3.30
CA LYS A 173 -18.72 -1.98 -2.88
C LYS A 173 -17.74 -2.44 -1.80
N VAL A 174 -16.47 -2.07 -1.92
CA VAL A 174 -15.48 -2.46 -0.92
C VAL A 174 -15.86 -1.90 0.45
N TYR A 175 -16.14 -0.60 0.52
CA TYR A 175 -16.40 -0.04 1.85
C TYR A 175 -17.83 -0.28 2.32
N ALA A 176 -18.75 -0.67 1.43
CA ALA A 176 -20.01 -1.21 1.91
C ALA A 176 -19.79 -2.57 2.57
N SER A 177 -18.90 -3.38 1.99
CA SER A 177 -18.59 -4.67 2.59
C SER A 177 -17.81 -4.50 3.89
N LEU A 178 -16.87 -3.54 3.92
CA LEU A 178 -16.02 -3.39 5.10
C LEU A 178 -16.80 -2.86 6.30
N GLU A 179 -17.72 -1.92 6.06
CA GLU A 179 -18.56 -1.43 7.16
C GLU A 179 -19.41 -2.55 7.75
N ALA A 180 -20.07 -3.33 6.88
CA ALA A 180 -20.88 -4.45 7.36
C ALA A 180 -20.02 -5.46 8.10
N TYR A 181 -18.79 -5.66 7.65
CA TYR A 181 -17.90 -6.59 8.35
C TYR A 181 -17.52 -6.04 9.72
N CYS A 182 -17.21 -4.75 9.81
CA CYS A 182 -16.85 -4.16 11.09
C CYS A 182 -18.00 -4.27 12.09
N LYS A 183 -19.21 -3.90 11.65
CA LYS A 183 -20.36 -3.94 12.54
C LYS A 183 -20.71 -5.34 12.99
N HIS A 184 -20.31 -6.36 12.24
CA HIS A 184 -20.55 -7.75 12.63
C HIS A 184 -19.44 -8.29 13.51
N LYS A 185 -18.19 -8.07 13.14
CA LYS A 185 -17.07 -8.60 13.92
C LYS A 185 -16.89 -7.84 15.22
N TYR A 186 -17.05 -6.52 15.19
CA TYR A 186 -16.84 -5.66 16.35
C TYR A 186 -18.10 -4.83 16.60
N PRO A 187 -19.19 -5.46 17.04
CA PRO A 187 -20.43 -4.70 17.30
C PRO A 187 -20.27 -3.66 18.39
N GLU A 188 -19.30 -3.83 19.30
CA GLU A 188 -19.13 -2.93 20.43
C GLU A 188 -18.37 -1.67 20.08
N GLN A 189 -17.85 -1.54 18.86
CA GLN A 189 -17.07 -0.37 18.42
C GLN A 189 -17.79 0.27 17.25
N PRO A 190 -18.74 1.18 17.49
CA PRO A 190 -19.52 1.75 16.38
C PRO A 190 -18.70 2.65 15.47
N GLY A 191 -17.71 3.39 15.99
CA GLY A 191 -16.92 4.29 15.19
C GLY A 191 -15.73 3.66 14.50
N ARG A 192 -15.61 2.33 14.53
CA ARG A 192 -14.41 1.67 14.03
C ARG A 192 -14.29 1.78 12.52
N PHE A 193 -15.41 1.60 11.80
CA PHE A 193 -15.37 1.78 10.35
C PHE A 193 -14.84 3.16 9.98
N ALA A 194 -15.38 4.20 10.61
CA ALA A 194 -14.89 5.55 10.36
C ALA A 194 -13.43 5.70 10.74
N LYS A 195 -13.02 5.10 11.86
CA LYS A 195 -11.63 5.19 12.30
C LYS A 195 -10.68 4.60 11.26
N LEU A 196 -11.07 3.49 10.63
CA LEU A 196 -10.26 2.91 9.57
C LEU A 196 -10.11 3.87 8.40
N LEU A 197 -11.23 4.44 7.94
CA LEU A 197 -11.18 5.33 6.78
C LEU A 197 -10.36 6.58 7.05
N LEU A 198 -10.32 7.02 8.31
CA LEU A 198 -9.62 8.26 8.66
C LEU A 198 -8.12 8.07 8.82
N ARG A 199 -7.59 6.89 8.52
CA ARG A 199 -6.15 6.73 8.40
C ARG A 199 -5.65 6.93 6.97
N LEU A 200 -6.56 7.02 6.00
CA LEU A 200 -6.18 7.21 4.60
C LEU A 200 -5.58 8.59 4.33
N PRO A 201 -6.07 9.68 4.93
CA PRO A 201 -5.37 10.96 4.76
C PRO A 201 -3.93 10.92 5.23
N ALA A 202 -3.65 10.30 6.39
CA ALA A 202 -2.25 10.16 6.80
C ALA A 202 -1.47 9.30 5.82
N LEU A 203 -2.05 8.19 5.37
CA LEU A 203 -1.39 7.35 4.37
C LEU A 203 -1.11 8.13 3.09
N ARG A 204 -2.07 8.93 2.64
CA ARG A 204 -1.85 9.78 1.48
C ARG A 204 -0.67 10.73 1.70
N SER A 205 -0.66 11.42 2.85
CA SER A 205 0.41 12.38 3.11
C SER A 205 1.76 11.69 3.21
N ILE A 206 1.81 10.53 3.86
CA ILE A 206 3.07 9.83 4.04
C ILE A 206 3.57 9.25 2.71
N GLY A 207 2.65 8.74 1.89
CA GLY A 207 3.03 8.26 0.56
C GLY A 207 3.69 9.33 -0.27
N LEU A 208 3.13 10.55 -0.28
CA LEU A 208 3.71 11.65 -1.04
C LEU A 208 5.10 12.01 -0.54
N LYS A 209 5.28 12.09 0.78
CA LYS A 209 6.59 12.43 1.32
C LYS A 209 7.61 11.36 0.99
N CYS A 210 7.21 10.09 1.07
N CYS A 210 7.23 10.08 1.06
CA CYS A 210 8.09 8.99 0.68
CA CYS A 210 8.15 9.02 0.67
C CYS A 210 8.51 9.11 -0.78
C CYS A 210 8.54 9.14 -0.79
N LEU A 211 7.58 9.51 -1.65
CA LEU A 211 7.90 9.72 -3.06
C LEU A 211 8.95 10.81 -3.24
N GLU A 212 8.81 11.92 -2.48
CA GLU A 212 9.77 13.01 -2.56
C GLU A 212 11.18 12.53 -2.22
N HIS A 213 11.31 11.67 -1.21
CA HIS A 213 12.61 11.12 -0.86
C HIS A 213 13.17 10.26 -1.99
N LEU A 214 12.35 9.37 -2.53
CA LEU A 214 12.79 8.50 -3.63
C LEU A 214 13.34 9.32 -4.79
N PHE A 215 12.61 10.35 -5.21
CA PHE A 215 13.09 11.20 -6.30
C PHE A 215 14.39 11.89 -5.95
N PHE A 216 14.60 12.20 -4.67
CA PHE A 216 15.89 12.77 -4.25
C PHE A 216 17.00 11.74 -4.34
N PHE A 217 16.75 10.52 -3.83
CA PHE A 217 17.75 9.45 -3.94
C PHE A 217 18.09 9.19 -5.40
N LYS A 218 17.08 9.17 -6.26
CA LYS A 218 17.32 9.01 -7.70
C LYS A 218 18.17 10.16 -8.24
N LEU A 219 17.85 11.39 -7.83
CA LEU A 219 18.58 12.55 -8.31
C LEU A 219 20.05 12.49 -7.89
N ILE A 220 20.30 12.14 -6.63
CA ILE A 220 21.68 12.04 -6.16
C ILE A 220 22.41 10.90 -6.88
N GLY A 221 21.74 9.76 -7.05
CA GLY A 221 22.19 8.75 -7.97
C GLY A 221 23.09 7.68 -7.42
N ASP A 222 23.39 7.69 -6.12
CA ASP A 222 24.20 6.64 -5.52
C ASP A 222 23.37 5.61 -4.76
N THR A 223 22.04 5.71 -4.80
CA THR A 223 21.21 4.71 -4.18
C THR A 223 20.71 3.72 -5.24
N PRO A 224 20.94 2.42 -5.04
CA PRO A 224 20.50 1.43 -6.04
C PRO A 224 18.98 1.40 -6.14
N ILE A 225 18.49 1.71 -7.34
CA ILE A 225 17.06 1.64 -7.65
C ILE A 225 16.91 0.65 -8.79
N ASP A 226 16.26 -0.47 -8.51
N ASP A 226 16.27 -0.48 -8.51
CA ASP A 226 16.11 -1.53 -9.49
CA ASP A 226 16.16 -1.53 -9.51
C ASP A 226 15.03 -1.18 -10.51
C ASP A 226 15.08 -1.16 -10.54
N THR A 227 14.88 -2.04 -11.52
CA THR A 227 14.12 -1.68 -12.72
C THR A 227 12.65 -1.38 -12.42
N PHE A 228 12.00 -2.18 -11.58
CA PHE A 228 10.57 -1.96 -11.38
C PHE A 228 10.32 -0.71 -10.55
N LEU A 229 11.06 -0.54 -9.46
CA LEU A 229 10.97 0.71 -8.70
C LEU A 229 11.26 1.91 -9.58
N MET A 230 12.28 1.79 -10.45
CA MET A 230 12.62 2.89 -11.35
C MET A 230 11.48 3.20 -12.30
N GLU A 231 10.78 2.17 -12.79
CA GLU A 231 9.69 2.39 -13.72
C GLU A 231 8.53 3.14 -13.07
N MET A 232 8.29 2.90 -11.77
CA MET A 232 7.24 3.65 -11.07
C MET A 232 7.59 5.12 -10.96
N LEU A 233 8.88 5.46 -10.90
CA LEU A 233 9.29 6.85 -10.75
C LEU A 233 9.38 7.59 -12.07
N GLU A 234 9.32 6.89 -13.20
CA GLU A 234 9.44 7.59 -14.48
C GLU A 234 8.11 8.24 -14.86
N ALA A 235 8.19 9.18 -15.79
CA ALA A 235 7.00 9.91 -16.22
C ALA A 235 6.04 8.99 -16.94
N PRO A 236 4.73 9.31 -16.94
CA PRO A 236 3.75 8.54 -17.70
C PRO A 236 3.99 8.62 -19.21
N HIS B 2 5.85 1.90 -20.00
CA HIS B 2 6.04 1.13 -18.78
C HIS B 2 6.05 -0.36 -19.10
N LYS B 3 7.22 -0.87 -19.50
CA LYS B 3 7.31 -2.25 -19.97
C LYS B 3 6.87 -3.24 -18.90
N ILE B 4 7.44 -3.14 -17.70
CA ILE B 4 7.33 -4.23 -16.74
C ILE B 4 5.88 -4.40 -16.27
N LEU B 5 5.22 -3.30 -15.90
CA LEU B 5 3.88 -3.39 -15.37
C LEU B 5 2.90 -3.97 -16.39
N HIS B 6 3.01 -3.54 -17.65
CA HIS B 6 2.16 -4.08 -18.70
C HIS B 6 2.39 -5.58 -18.88
N ARG B 7 3.65 -6.02 -18.85
CA ARG B 7 3.96 -7.43 -19.09
C ARG B 7 3.45 -8.32 -17.96
N LEU B 8 3.52 -7.83 -16.72
CA LEU B 8 3.06 -8.65 -15.60
C LEU B 8 1.54 -8.68 -15.52
N LEU B 9 0.86 -7.60 -15.89
CA LEU B 9 -0.59 -7.59 -15.89
C LEU B 9 -1.17 -8.41 -17.05
N GLN B 10 -0.38 -8.67 -18.09
N GLN B 10 -0.38 -8.67 -18.09
CA GLN B 10 -0.84 -9.49 -19.20
CA GLN B 10 -0.84 -9.49 -19.20
C GLN B 10 -0.85 -10.98 -18.83
C GLN B 10 -0.85 -10.98 -18.83
N ASP B 11 0.15 -11.42 -18.07
CA ASP B 11 0.29 -12.82 -17.61
C ASP B 11 0.03 -13.87 -18.69
C10 7BE C . 9.40 3.74 3.15
C11 7BE C . 9.37 3.43 1.79
C13 7BE C . 8.49 2.01 0.04
C14 7BE C . 7.11 1.50 -0.38
C15 7BE C . 6.62 0.57 0.69
C16 7BE C . 7.69 -0.51 0.98
C17 7BE C . 7.30 -1.73 1.52
C18 7BE C . 8.27 -2.71 1.76
C19 7BE C . 7.86 -4.05 2.36
C22 7BE C . 9.61 -2.47 1.47
C23 7BE C . 10.00 -1.25 0.93
C24 7BE C . 9.03 -0.27 0.68
C26 7BE C . 8.98 2.99 -1.00
C27 7BE C . 10.29 3.62 -0.61
C28 7BE C . 10.32 3.96 0.91
C29 7BE C . 11.32 4.81 1.41
C30 7BE C . 11.36 5.12 2.79
C01 7BE C . 13.83 5.35 3.12
C02 7BE C . 12.48 6.07 3.28
C03 7BE C . 12.46 7.31 2.40
C04 7BE C . 12.32 6.51 4.76
C05 7BE C . 11.74 5.41 5.65
C06 7BE C . 10.39 4.89 5.14
C07 7BE C . 10.03 3.62 5.91
C08 7BE C . 9.33 5.95 5.42
C09 7BE C . 10.40 4.59 3.65
O12 7BE C . 8.32 2.55 1.34
O20 7BE C . 6.64 -4.34 2.45
O21 7BE C . 8.75 -4.83 2.77
O25 7BE C . 9.47 0.99 0.12
#